data_9BCE
#
_entry.id   9BCE
#
_cell.length_a   90.040
_cell.length_b   42.962
_cell.length_c   112.092
_cell.angle_alpha   90.00
_cell.angle_beta   104.15
_cell.angle_gamma   90.00
#
_symmetry.space_group_name_H-M   'C 1 2 1'
#
loop_
_entity.id
_entity.type
_entity.pdbx_description
1 polymer 'Transcriptional regulator LysR family'
2 water water
#
_entity_poly.entity_id   1
_entity_poly.type   'polypeptide(L)'
_entity_poly.pdbx_seq_one_letter_code
;DVSGSLRIAIPVSFSQELIANLCSGF(MSE)RLYPNVELDVQFTDNDIGLVGEGYDIAIKYGPLQSSDLVARLLFERQPI
LVASPGYLKTRGTPATPKELSDHSGILLGTSRSAPIWPLGKGTRKT(MSE)VSFQRKVRVNSPI(MSE)VKQLALDDFGI
A(MSE)LSNSACKTELANGQLVPILQEWP(MSE)EPFKVYGVYSSRRQLATNISAFLDFFVKRFSSQESLQSL(MSE)
;
_entity_poly.pdbx_strand_id   A,B
#
# COMPACT_ATOMS: atom_id res chain seq x y z
N ASP A 1 23.41 21.80 -6.39
CA ASP A 1 22.09 21.81 -6.99
C ASP A 1 21.38 20.49 -6.76
N VAL A 2 20.11 20.55 -6.38
CA VAL A 2 19.28 19.37 -6.21
C VAL A 2 18.43 19.25 -7.48
N SER A 3 18.74 18.27 -8.31
CA SER A 3 18.05 18.14 -9.59
C SER A 3 18.31 16.74 -10.15
N GLY A 4 17.51 16.37 -11.14
CA GLY A 4 17.67 15.09 -11.78
C GLY A 4 16.64 14.09 -11.28
N SER A 5 17.02 12.83 -11.15
CA SER A 5 16.08 11.77 -10.81
C SER A 5 16.46 11.15 -9.46
N LEU A 6 15.44 10.76 -8.70
N LEU A 6 15.45 10.61 -8.79
CA LEU A 6 15.64 9.95 -7.51
CA LEU A 6 15.63 9.97 -7.50
C LEU A 6 14.71 8.76 -7.62
C LEU A 6 14.69 8.78 -7.43
N ARG A 7 15.25 7.57 -7.38
CA ARG A 7 14.50 6.32 -7.35
C ARG A 7 14.49 5.81 -5.91
N ILE A 8 13.30 5.53 -5.37
CA ILE A 8 13.14 5.20 -3.95
C ILE A 8 12.30 3.93 -3.85
N ALA A 9 12.80 2.93 -3.12
CA ALA A 9 12.06 1.71 -2.82
C ALA A 9 11.55 1.77 -1.38
N ILE A 10 10.31 1.36 -1.16
CA ILE A 10 9.63 1.52 0.12
C ILE A 10 8.83 0.26 0.43
N PRO A 11 8.83 -0.27 1.65
CA PRO A 11 8.05 -1.49 1.94
C PRO A 11 6.56 -1.27 1.67
N VAL A 12 5.88 -2.36 1.29
CA VAL A 12 4.44 -2.28 1.00
C VAL A 12 3.64 -1.94 2.25
N SER A 13 4.17 -2.24 3.44
CA SER A 13 3.53 -1.87 4.69
C SER A 13 3.61 -0.40 5.02
N PHE A 14 4.39 0.39 4.28
CA PHE A 14 4.60 1.78 4.63
C PHE A 14 3.44 2.64 4.12
N SER A 15 3.06 3.64 4.91
CA SER A 15 1.92 4.49 4.57
C SER A 15 2.09 5.20 3.23
N GLN A 16 1.20 4.90 2.27
CA GLN A 16 1.25 5.58 0.98
C GLN A 16 0.84 7.04 1.12
N GLU A 17 -0.11 7.33 2.01
CA GLU A 17 -0.53 8.69 2.29
C GLU A 17 0.62 9.53 2.84
N LEU A 18 1.41 8.98 3.76
CA LEU A 18 2.55 9.72 4.31
C LEU A 18 3.57 10.02 3.22
N ILE A 19 3.91 9.01 2.42
CA ILE A 19 4.90 9.20 1.35
C ILE A 19 4.40 10.21 0.34
N ALA A 20 3.10 10.16 0.00
CA ALA A 20 2.58 11.12 -0.97
C ALA A 20 2.74 12.56 -0.47
N ASN A 21 2.43 12.80 0.81
CA ASN A 21 2.55 14.16 1.35
C ASN A 21 4.01 14.62 1.35
N LEU A 22 4.94 13.74 1.76
CA LEU A 22 6.33 14.14 1.82
C LEU A 22 6.92 14.35 0.42
N CYS A 23 6.52 13.51 -0.55
CA CYS A 23 7.04 13.68 -1.90
C CYS A 23 6.51 14.94 -2.56
N SER A 24 5.24 15.28 -2.31
CA SER A 24 4.70 16.53 -2.80
C SER A 24 5.51 17.70 -2.22
N GLY A 25 5.75 17.70 -0.92
CA GLY A 25 6.51 18.79 -0.32
C GLY A 25 7.92 18.86 -0.87
N PHE A 26 8.55 17.70 -1.06
CA PHE A 26 9.90 17.66 -1.58
C PHE A 26 9.99 18.26 -2.98
N MSE A 27 9.05 17.88 -3.85
CA MSE A 27 9.11 18.38 -5.23
C MSE A 27 8.72 19.85 -5.35
O MSE A 27 9.13 20.53 -6.31
CB MSE A 27 8.22 17.51 -6.10
CG MSE A 27 8.92 16.19 -6.49
SE MSE A 27 8.03 15.20 -7.85
CE MSE A 27 6.47 14.95 -6.77
N ARG A 28 7.92 20.35 -4.39
CA ARG A 28 7.62 21.78 -4.37
C ARG A 28 8.84 22.58 -3.91
N LEU A 29 9.66 22.01 -3.03
CA LEU A 29 10.89 22.68 -2.62
C LEU A 29 11.96 22.58 -3.70
N TYR A 30 11.99 21.45 -4.41
CA TYR A 30 13.01 21.13 -5.40
C TYR A 30 12.31 20.81 -6.71
N PRO A 31 11.93 21.83 -7.49
CA PRO A 31 11.09 21.61 -8.68
C PRO A 31 11.81 20.94 -9.85
N ASN A 32 13.10 20.65 -9.76
CA ASN A 32 13.81 20.01 -10.86
C ASN A 32 14.15 18.55 -10.59
N VAL A 33 13.47 17.91 -9.64
CA VAL A 33 13.70 16.50 -9.34
C VAL A 33 12.52 15.69 -9.85
N GLU A 34 12.81 14.61 -10.56
CA GLU A 34 11.81 13.64 -11.01
C GLU A 34 11.90 12.43 -10.09
N LEU A 35 10.76 11.96 -9.61
CA LEU A 35 10.74 10.85 -8.65
C LEU A 35 10.25 9.56 -9.31
N ASP A 36 10.83 8.44 -8.89
CA ASP A 36 10.36 7.10 -9.20
C ASP A 36 10.26 6.39 -7.87
N VAL A 37 9.03 6.15 -7.40
CA VAL A 37 8.79 5.59 -6.08
C VAL A 37 8.07 4.25 -6.23
N GLN A 38 8.65 3.19 -5.69
CA GLN A 38 8.08 1.86 -5.82
C GLN A 38 7.87 1.27 -4.44
N PHE A 39 6.61 0.96 -4.12
CA PHE A 39 6.27 0.20 -2.91
C PHE A 39 6.45 -1.27 -3.25
N THR A 40 7.43 -1.90 -2.60
CA THR A 40 7.83 -3.26 -2.92
C THR A 40 8.47 -3.89 -1.70
N ASP A 41 8.25 -5.20 -1.56
CA ASP A 41 8.93 -6.00 -0.54
C ASP A 41 10.03 -6.86 -1.14
N ASN A 42 10.29 -6.76 -2.43
CA ASN A 42 11.34 -7.55 -3.06
C ASN A 42 12.71 -7.03 -2.65
N ASP A 43 13.70 -7.90 -2.75
CA ASP A 43 15.08 -7.47 -2.60
C ASP A 43 15.41 -6.55 -3.78
N ILE A 44 15.98 -5.40 -3.49
CA ILE A 44 16.29 -4.42 -4.53
C ILE A 44 17.75 -4.00 -4.43
N GLY A 45 18.30 -3.58 -5.55
CA GLY A 45 19.67 -3.10 -5.59
C GLY A 45 19.74 -1.60 -5.36
N LEU A 46 20.86 -1.16 -4.79
CA LEU A 46 21.06 0.24 -4.44
C LEU A 46 22.21 0.88 -5.22
N VAL A 47 22.67 0.26 -6.31
CA VAL A 47 23.80 0.78 -7.06
C VAL A 47 23.44 0.86 -8.55
N GLY A 48 24.22 1.66 -9.27
CA GLY A 48 24.01 1.83 -10.70
C GLY A 48 22.61 2.35 -11.00
N GLU A 49 21.95 1.68 -11.94
CA GLU A 49 20.61 2.05 -12.36
C GLU A 49 19.54 1.55 -11.39
N GLY A 50 19.93 0.90 -10.31
CA GLY A 50 19.00 0.47 -9.28
C GLY A 50 18.47 1.63 -8.47
N TYR A 51 18.05 1.38 -7.23
CA TYR A 51 17.44 2.44 -6.44
C TYR A 51 18.50 3.34 -5.83
N ASP A 52 18.14 4.60 -5.63
CA ASP A 52 19.00 5.52 -4.91
C ASP A 52 18.84 5.39 -3.41
N ILE A 53 17.59 5.30 -2.95
CA ILE A 53 17.25 5.18 -1.52
C ILE A 53 16.34 3.98 -1.35
N ALA A 54 16.54 3.23 -0.27
CA ALA A 54 15.55 2.30 0.22
C ALA A 54 15.12 2.72 1.60
N ILE A 55 13.82 2.74 1.86
CA ILE A 55 13.31 2.86 3.21
C ILE A 55 13.23 1.46 3.81
N LYS A 56 13.82 1.28 4.99
CA LYS A 56 13.96 -0.06 5.57
C LYS A 56 13.66 -0.01 7.05
N TYR A 57 13.02 -1.04 7.57
CA TYR A 57 12.91 -1.22 9.00
C TYR A 57 14.16 -1.90 9.54
N GLY A 58 14.49 -1.58 10.79
CA GLY A 58 15.57 -2.26 11.47
C GLY A 58 15.24 -3.74 11.62
N PRO A 59 16.26 -4.56 11.89
CA PRO A 59 17.64 -4.14 12.16
C PRO A 59 18.46 -3.90 10.89
N LEU A 60 19.44 -2.99 10.96
CA LEU A 60 20.44 -2.86 9.92
C LEU A 60 21.43 -4.00 10.05
N GLN A 61 21.81 -4.57 8.91
CA GLN A 61 22.67 -5.75 8.94
C GLN A 61 23.75 -5.72 7.87
N SER A 62 23.84 -4.66 7.08
CA SER A 62 24.67 -4.66 5.88
C SER A 62 25.67 -3.52 5.94
N SER A 63 26.96 -3.87 5.84
CA SER A 63 27.95 -2.87 5.52
C SER A 63 27.75 -2.39 4.09
N ASP A 64 28.52 -1.38 3.70
CA ASP A 64 28.45 -0.72 2.40
C ASP A 64 27.19 0.11 2.22
N LEU A 65 26.28 0.12 3.20
CA LEU A 65 25.14 1.03 3.18
C LEU A 65 25.32 2.10 4.25
N VAL A 66 24.83 3.28 3.92
CA VAL A 66 24.77 4.42 4.82
C VAL A 66 23.31 4.55 5.23
N ALA A 67 23.07 4.88 6.50
CA ALA A 67 21.70 4.92 7.03
C ALA A 67 21.42 6.20 7.78
N ARG A 68 20.25 6.77 7.53
N ARG A 68 20.22 6.74 7.59
CA ARG A 68 19.71 7.87 8.33
CA ARG A 68 19.74 7.90 8.34
C ARG A 68 18.47 7.38 9.05
C ARG A 68 18.41 7.55 9.00
N LEU A 69 18.36 7.67 10.33
CA LEU A 69 17.17 7.31 11.09
C LEU A 69 16.07 8.32 10.80
N LEU A 70 14.94 7.84 10.27
CA LEU A 70 13.83 8.72 9.91
C LEU A 70 12.86 8.92 11.07
N PHE A 71 12.51 7.85 11.78
CA PHE A 71 11.70 7.94 13.00
C PHE A 71 11.68 6.56 13.66
N GLU A 72 11.13 6.52 14.87
CA GLU A 72 11.05 5.29 15.65
C GLU A 72 9.66 5.20 16.26
N ARG A 73 9.16 3.97 16.44
CA ARG A 73 7.82 3.76 16.97
C ARG A 73 7.87 2.64 18.01
N GLN A 74 6.90 2.66 18.93
CA GLN A 74 6.79 1.61 19.94
C GLN A 74 5.56 0.76 19.63
N PRO A 75 5.73 -0.48 19.16
CA PRO A 75 4.58 -1.37 18.99
C PRO A 75 4.10 -1.89 20.33
N ILE A 76 2.80 -2.09 20.40
CA ILE A 76 2.17 -2.70 21.57
C ILE A 76 1.15 -3.72 21.09
N LEU A 77 0.91 -4.72 21.94
CA LEU A 77 -0.13 -5.71 21.67
C LEU A 77 -1.46 -5.18 22.14
N VAL A 78 -2.47 -5.23 21.26
CA VAL A 78 -3.80 -4.73 21.58
C VAL A 78 -4.86 -5.68 21.03
N ALA A 79 -6.06 -5.56 21.57
CA ALA A 79 -7.24 -6.16 20.98
C ALA A 79 -8.44 -5.27 21.28
N SER A 80 -9.52 -5.50 20.56
CA SER A 80 -10.71 -4.71 20.84
C SER A 80 -11.41 -5.21 22.11
N PRO A 81 -12.20 -4.34 22.76
CA PRO A 81 -13.04 -4.84 23.87
C PRO A 81 -13.94 -5.99 23.44
N GLY A 82 -14.46 -5.96 22.21
CA GLY A 82 -15.33 -7.04 21.76
C GLY A 82 -14.62 -8.37 21.68
N TYR A 83 -13.37 -8.37 21.18
CA TYR A 83 -12.61 -9.61 21.14
C TYR A 83 -12.40 -10.15 22.55
N LEU A 84 -11.92 -9.29 23.45
CA LEU A 84 -11.57 -9.72 24.79
C LEU A 84 -12.80 -10.17 25.58
N LYS A 85 -13.96 -9.54 25.35
CA LYS A 85 -15.19 -9.91 26.04
CA LYS A 85 -15.17 -9.92 26.08
C LYS A 85 -15.64 -11.33 25.72
N THR A 86 -15.35 -11.81 24.53
CA THR A 86 -15.77 -13.16 24.17
C THR A 86 -14.68 -14.21 24.31
N ARG A 87 -13.43 -13.90 23.96
CA ARG A 87 -12.39 -14.90 24.04
C ARG A 87 -11.65 -14.90 25.38
N GLY A 88 -11.85 -13.89 26.21
CA GLY A 88 -11.03 -13.69 27.38
C GLY A 88 -9.77 -12.90 27.10
N THR A 89 -9.12 -12.45 28.18
CA THR A 89 -7.86 -11.72 28.09
C THR A 89 -6.72 -12.65 28.46
N PRO A 90 -5.74 -12.85 27.59
CA PRO A 90 -4.58 -13.68 27.97
C PRO A 90 -3.80 -13.04 29.11
N ALA A 91 -3.47 -13.85 30.11
CA ALA A 91 -2.75 -13.36 31.27
C ALA A 91 -1.25 -13.48 31.13
N THR A 92 -0.77 -14.40 30.31
CA THR A 92 0.66 -14.64 30.15
C THR A 92 0.93 -14.87 28.67
N PRO A 93 2.20 -14.75 28.24
CA PRO A 93 2.52 -15.07 26.84
C PRO A 93 2.14 -16.49 26.44
N LYS A 94 2.27 -17.44 27.36
CA LYS A 94 1.96 -18.84 27.05
C LYS A 94 0.51 -19.00 26.60
N GLU A 95 -0.40 -18.16 27.12
CA GLU A 95 -1.78 -18.26 26.71
C GLU A 95 -2.05 -17.75 25.31
N LEU A 96 -1.12 -17.02 24.69
CA LEU A 96 -1.39 -16.49 23.36
C LEU A 96 -1.60 -17.59 22.32
N SER A 97 -1.05 -18.78 22.54
CA SER A 97 -1.23 -19.83 21.53
C SER A 97 -2.68 -20.28 21.39
N ASP A 98 -3.53 -19.89 22.34
CA ASP A 98 -4.96 -20.19 22.29
C ASP A 98 -5.78 -19.02 21.76
N HIS A 99 -5.12 -17.97 21.25
CA HIS A 99 -5.81 -16.76 20.83
C HIS A 99 -5.57 -16.46 19.36
N SER A 100 -6.52 -15.76 18.76
CA SER A 100 -6.37 -15.32 17.38
C SER A 100 -5.44 -14.13 17.29
N GLY A 101 -4.45 -14.22 16.40
CA GLY A 101 -3.61 -13.09 16.09
C GLY A 101 -3.75 -12.65 14.65
N ILE A 102 -3.53 -11.35 14.44
CA ILE A 102 -3.54 -10.72 13.13
CA ILE A 102 -3.53 -10.72 13.12
C ILE A 102 -2.09 -10.34 12.84
N LEU A 103 -1.42 -11.13 12.01
CA LEU A 103 0.01 -11.00 11.77
C LEU A 103 0.30 -10.03 10.62
N LEU A 104 1.13 -9.04 10.89
CA LEU A 104 1.74 -8.22 9.84
C LEU A 104 2.95 -8.96 9.30
N GLY A 105 2.88 -9.42 8.07
CA GLY A 105 4.04 -10.08 7.52
C GLY A 105 3.86 -10.44 6.06
N THR A 106 4.99 -10.81 5.44
CA THR A 106 5.04 -11.32 4.08
C THR A 106 5.07 -12.86 4.09
N SER A 107 5.42 -13.46 2.96
CA SER A 107 5.13 -14.88 2.75
C SER A 107 5.98 -15.82 3.59
N ARG A 108 7.06 -15.36 4.19
CA ARG A 108 7.86 -16.20 5.06
C ARG A 108 7.76 -15.79 6.53
N SER A 109 6.89 -14.85 6.86
CA SER A 109 6.77 -14.39 8.25
C SER A 109 6.00 -15.40 9.09
N ALA A 110 6.56 -15.76 10.25
CA ALA A 110 5.98 -16.74 11.15
C ALA A 110 5.01 -16.07 12.12
N PRO A 111 4.02 -16.83 12.68
CA PRO A 111 3.05 -16.22 13.61
C PRO A 111 3.62 -16.18 15.02
N ILE A 112 4.65 -15.34 15.19
CA ILE A 112 5.29 -15.16 16.47
C ILE A 112 5.51 -13.67 16.71
N TRP A 113 5.40 -13.26 17.96
CA TRP A 113 5.84 -11.96 18.38
C TRP A 113 6.94 -12.12 19.40
N PRO A 114 8.05 -11.39 19.29
CA PRO A 114 9.10 -11.48 20.31
C PRO A 114 8.77 -10.59 21.49
N LEU A 115 8.48 -11.21 22.63
CA LEU A 115 8.07 -10.51 23.84
C LEU A 115 9.08 -10.77 24.94
N GLY A 116 9.25 -9.78 25.82
CA GLY A 116 10.10 -9.98 26.98
C GLY A 116 9.96 -8.89 28.01
N LYS A 117 10.22 -9.21 29.29
CA LYS A 117 10.15 -8.21 30.34
C LYS A 117 11.27 -7.18 30.20
N GLY A 118 12.48 -7.66 29.93
CA GLY A 118 13.63 -6.79 29.70
C GLY A 118 14.07 -6.82 28.24
N THR A 119 15.35 -6.62 27.98
CA THR A 119 15.83 -6.56 26.60
C THR A 119 15.81 -7.92 25.91
N ARG A 120 15.83 -9.01 26.66
CA ARG A 120 15.89 -10.36 26.08
C ARG A 120 14.49 -10.80 25.68
N LYS A 121 14.24 -10.93 24.37
CA LYS A 121 12.92 -11.29 23.88
C LYS A 121 12.86 -12.78 23.52
N THR A 122 11.67 -13.35 23.68
CA THR A 122 11.41 -14.75 23.40
C THR A 122 10.28 -14.83 22.39
N MSE A 123 10.36 -15.79 21.48
CA MSE A 123 9.32 -15.96 20.48
CA MSE A 123 9.31 -16.00 20.47
CA MSE A 123 9.33 -15.97 20.47
C MSE A 123 8.05 -16.48 21.13
O MSE A 123 8.08 -17.47 21.88
CB MSE A 123 9.85 -16.92 19.43
CB MSE A 123 9.74 -17.06 19.45
CB MSE A 123 9.80 -16.91 19.36
CG MSE A 123 11.35 -16.71 19.26
CG MSE A 123 10.96 -16.66 18.62
CG MSE A 123 10.94 -16.32 18.52
SE MSE A 123 12.36 -17.78 20.55
SE MSE A 123 12.60 -17.61 19.20
SE MSE A 123 11.85 -17.62 17.37
CE MSE A 123 12.01 -19.47 19.61
CE MSE A 123 12.14 -19.40 18.58
CE MSE A 123 11.08 -17.14 15.65
N VAL A 124 6.92 -15.81 20.86
CA VAL A 124 5.64 -16.19 21.44
C VAL A 124 4.62 -16.38 20.31
N SER A 125 4.10 -17.60 20.17
CA SER A 125 3.23 -17.94 19.05
C SER A 125 1.76 -17.67 19.36
N PHE A 126 0.99 -17.50 18.29
CA PHE A 126 -0.45 -17.30 18.34
C PHE A 126 -1.09 -18.03 17.16
N GLN A 127 -2.44 -18.13 17.18
CA GLN A 127 -3.16 -18.72 16.06
C GLN A 127 -3.17 -17.73 14.92
N ARG A 128 -2.73 -18.14 13.74
CA ARG A 128 -2.58 -17.19 12.63
C ARG A 128 -3.92 -17.03 11.91
N LYS A 129 -4.81 -16.22 12.51
CA LYS A 129 -6.13 -16.02 11.92
C LYS A 129 -6.00 -15.26 10.59
N VAL A 130 -5.12 -14.27 10.55
CA VAL A 130 -4.82 -13.48 9.35
C VAL A 130 -3.33 -13.26 9.29
N ARG A 131 -2.76 -13.35 8.09
CA ARG A 131 -1.46 -12.76 7.79
C ARG A 131 -1.67 -11.79 6.62
N VAL A 132 -1.13 -10.59 6.73
CA VAL A 132 -1.24 -9.59 5.66
C VAL A 132 -0.08 -8.62 5.77
N ASN A 133 0.36 -8.09 4.64
CA ASN A 133 1.48 -7.16 4.64
C ASN A 133 1.04 -5.70 4.66
N SER A 134 -0.01 -5.38 5.44
CA SER A 134 -0.65 -4.07 5.51
C SER A 134 -1.04 -3.68 6.94
N PRO A 135 -0.38 -2.68 7.55
CA PRO A 135 -0.82 -2.20 8.87
C PRO A 135 -2.22 -1.64 8.88
N ILE A 136 -2.69 -1.12 7.74
CA ILE A 136 -4.05 -0.61 7.65
C ILE A 136 -5.04 -1.75 7.85
N MSE A 137 -4.84 -2.86 7.14
CA MSE A 137 -5.75 -3.99 7.32
CA MSE A 137 -5.74 -4.02 7.29
C MSE A 137 -5.61 -4.63 8.69
O MSE A 137 -6.60 -5.01 9.28
CB MSE A 137 -5.54 -5.03 6.23
CB MSE A 137 -5.51 -5.08 6.17
CG MSE A 137 -6.54 -6.15 6.31
CG MSE A 137 -6.33 -6.42 6.27
SE MSE A 137 -6.72 -6.98 4.59
SE MSE A 137 -6.59 -7.37 4.52
CE MSE A 137 -6.71 -8.86 5.23
CE MSE A 137 -6.16 -5.83 3.45
N VAL A 138 -4.38 -4.72 9.21
CA VAL A 138 -4.19 -5.23 10.58
C VAL A 138 -5.04 -4.43 11.57
N LYS A 139 -4.89 -3.11 11.54
CA LYS A 139 -5.66 -2.23 12.42
C LYS A 139 -7.17 -2.44 12.29
N GLN A 140 -7.67 -2.43 11.05
CA GLN A 140 -9.11 -2.54 10.87
C GLN A 140 -9.63 -3.86 11.44
N LEU A 141 -8.89 -4.94 11.18
CA LEU A 141 -9.34 -6.26 11.64
C LEU A 141 -9.29 -6.35 13.17
N ALA A 142 -8.28 -5.74 13.80
CA ALA A 142 -8.26 -5.65 15.26
C ALA A 142 -9.45 -4.85 15.78
N LEU A 143 -9.73 -3.69 15.16
CA LEU A 143 -10.88 -2.89 15.58
C LEU A 143 -12.19 -3.65 15.42
N ASP A 144 -12.28 -4.56 14.46
CA ASP A 144 -13.47 -5.35 14.16
C ASP A 144 -13.54 -6.68 14.92
N ASP A 145 -12.72 -6.83 15.96
CA ASP A 145 -12.82 -7.93 16.93
C ASP A 145 -12.23 -9.24 16.46
N PHE A 146 -11.39 -9.24 15.42
CA PHE A 146 -10.92 -10.52 14.91
C PHE A 146 -9.72 -11.09 15.65
N GLY A 147 -9.02 -10.30 16.45
CA GLY A 147 -7.90 -10.84 17.19
C GLY A 147 -6.95 -9.78 17.69
N ILE A 148 -5.86 -10.28 18.23
CA ILE A 148 -4.81 -9.48 18.83
C ILE A 148 -3.86 -9.04 17.75
N ALA A 149 -3.36 -7.81 17.86
CA ALA A 149 -2.45 -7.28 16.84
C ALA A 149 -1.35 -6.49 17.51
N MSE A 150 -0.23 -6.39 16.80
N MSE A 150 -0.19 -6.50 16.87
CA MSE A 150 0.92 -5.59 17.22
CA MSE A 150 0.88 -5.56 17.19
C MSE A 150 0.91 -4.24 16.46
C MSE A 150 0.57 -4.30 16.41
O MSE A 150 1.28 -4.17 15.28
O MSE A 150 0.43 -4.33 15.18
CB MSE A 150 2.19 -6.41 16.95
CB MSE A 150 2.24 -6.10 16.74
CG MSE A 150 3.47 -5.64 16.80
CG MSE A 150 3.29 -5.00 16.71
SE MSE A 150 4.84 -6.76 15.94
SE MSE A 150 4.65 -5.08 15.31
CE MSE A 150 4.35 -6.52 14.06
CE MSE A 150 5.40 -6.83 15.73
N LEU A 151 0.46 -3.18 17.12
CA LEU A 151 0.19 -1.90 16.47
C LEU A 151 1.05 -0.81 17.09
N SER A 152 1.41 0.16 16.27
CA SER A 152 2.19 1.30 16.74
C SER A 152 1.32 2.13 17.68
N ASN A 153 1.87 2.51 18.84
CA ASN A 153 1.05 3.34 19.72
C ASN A 153 0.85 4.76 19.18
N SER A 154 1.56 5.13 18.12
N SER A 154 1.58 5.14 18.13
CA SER A 154 1.29 6.41 17.46
CA SER A 154 1.32 6.41 17.44
C SER A 154 0.16 6.28 16.45
C SER A 154 0.17 6.27 16.45
N ALA A 155 0.18 5.22 15.64
CA ALA A 155 -0.87 5.04 14.65
C ALA A 155 -2.22 4.81 15.30
N CYS A 156 -2.23 4.46 16.59
CA CYS A 156 -3.42 3.94 17.25
C CYS A 156 -3.72 4.77 18.50
N LYS A 157 -3.12 5.96 18.59
CA LYS A 157 -3.21 6.81 19.78
C LYS A 157 -4.67 7.11 20.13
N THR A 158 -5.45 7.50 19.12
CA THR A 158 -6.85 7.83 19.33
C THR A 158 -7.63 6.63 19.82
N GLU A 159 -7.42 5.47 19.19
CA GLU A 159 -8.20 4.29 19.53
C GLU A 159 -7.85 3.77 20.91
N LEU A 160 -6.60 3.95 21.34
CA LEU A 160 -6.23 3.60 22.70
C LEU A 160 -6.86 4.55 23.69
N ALA A 161 -6.82 5.86 23.41
CA ALA A 161 -7.33 6.86 24.34
C ALA A 161 -8.83 6.69 24.58
N ASN A 162 -9.57 6.36 23.55
CA ASN A 162 -11.01 6.22 23.70
C ASN A 162 -11.48 4.78 23.91
N GLY A 163 -10.60 3.80 24.01
CA GLY A 163 -11.05 2.46 24.35
C GLY A 163 -11.44 1.45 23.29
N GLN A 164 -11.28 1.85 22.05
CA GLN A 164 -11.61 0.94 20.98
C GLN A 164 -10.53 -0.15 20.77
N LEU A 165 -9.36 0.08 21.33
CA LEU A 165 -8.31 -0.92 21.38
C LEU A 165 -7.83 -0.91 22.82
N VAL A 166 -7.46 -2.04 23.35
CA VAL A 166 -7.07 -2.22 24.75
C VAL A 166 -5.71 -2.91 24.75
N PRO A 167 -4.70 -2.36 25.43
CA PRO A 167 -3.42 -3.07 25.53
C PRO A 167 -3.51 -4.30 26.42
N ILE A 168 -2.74 -5.32 26.07
CA ILE A 168 -2.65 -6.55 26.85
C ILE A 168 -1.18 -6.92 27.03
N LEU A 169 -0.94 -7.84 27.98
CA LEU A 169 0.41 -8.35 28.26
C LEU A 169 1.44 -7.22 28.37
N GLN A 170 1.06 -6.14 29.06
CA GLN A 170 1.92 -4.97 29.10
C GLN A 170 3.25 -5.25 29.78
N GLU A 171 3.32 -6.29 30.60
CA GLU A 171 4.54 -6.62 31.33
C GLU A 171 5.59 -7.28 30.46
N TRP A 172 5.26 -7.66 29.22
CA TRP A 172 6.19 -8.32 28.29
C TRP A 172 6.27 -7.49 27.01
N PRO A 173 6.89 -6.32 27.05
CA PRO A 173 6.90 -5.43 25.88
C PRO A 173 7.73 -5.96 24.73
N MSE A 174 7.51 -5.32 23.57
CA MSE A 174 8.29 -5.56 22.37
CA MSE A 174 8.29 -5.56 22.37
C MSE A 174 9.32 -4.47 22.17
O MSE A 174 9.17 -3.36 22.71
CB MSE A 174 7.37 -5.61 21.15
CB MSE A 174 7.35 -5.60 21.19
CG MSE A 174 6.49 -6.82 21.14
CG MSE A 174 6.27 -6.63 21.42
SE MSE A 174 5.22 -6.84 19.67
SE MSE A 174 5.05 -6.88 19.96
CE MSE A 174 3.93 -5.60 20.39
CE MSE A 174 3.94 -5.32 20.20
N GLU A 175 10.37 -4.78 21.41
CA GLU A 175 11.35 -3.77 21.06
C GLU A 175 10.71 -2.71 20.15
N PRO A 176 11.18 -1.46 20.23
CA PRO A 176 10.70 -0.45 19.30
C PRO A 176 11.11 -0.82 17.87
N PHE A 177 10.44 -0.21 16.94
CA PHE A 177 10.97 -0.42 15.63
C PHE A 177 11.46 0.91 15.06
N LYS A 178 12.41 0.82 14.21
CA LYS A 178 13.14 1.96 13.69
C LYS A 178 13.03 1.95 12.18
N VAL A 179 12.83 3.13 11.60
CA VAL A 179 12.66 3.30 10.16
C VAL A 179 13.85 4.12 9.69
N TYR A 180 14.60 3.57 8.75
CA TYR A 180 15.77 4.16 8.10
C TYR A 180 15.57 4.48 6.63
N GLY A 181 16.29 5.50 6.18
CA GLY A 181 16.56 5.67 4.76
C GLY A 181 18.00 5.27 4.53
N VAL A 182 18.21 4.35 3.60
CA VAL A 182 19.53 3.78 3.35
C VAL A 182 19.93 4.00 1.90
N TYR A 183 21.24 4.14 1.68
CA TYR A 183 21.78 4.31 0.34
C TYR A 183 23.19 3.74 0.31
N SER A 184 23.73 3.57 -0.90
CA SER A 184 25.04 2.94 -1.06
C SER A 184 26.16 3.90 -0.72
N SER A 185 27.17 3.37 -0.03
CA SER A 185 28.45 4.05 0.12
C SER A 185 29.15 4.13 -1.23
N ARG A 186 29.11 3.04 -2.00
CA ARG A 186 29.75 2.95 -3.31
C ARG A 186 29.12 3.91 -4.31
N ARG A 187 28.11 4.66 -3.87
CA ARG A 187 27.46 5.68 -4.67
C ARG A 187 27.72 7.02 -4.00
N GLN A 188 28.35 7.88 -4.69
CA GLN A 188 28.57 9.21 -4.17
C GLN A 188 27.60 10.13 -4.89
N LEU A 189 27.82 11.42 -4.95
CA LEU A 189 26.85 12.37 -5.51
C LEU A 189 25.57 12.30 -4.75
N ALA A 190 25.61 12.51 -3.47
CA ALA A 190 24.40 12.24 -2.73
C ALA A 190 23.66 13.51 -2.42
N THR A 191 23.77 14.50 -3.35
CA THR A 191 23.08 15.74 -3.14
C THR A 191 21.59 15.47 -3.04
N ASN A 192 21.04 14.85 -4.07
CA ASN A 192 19.59 14.62 -4.04
C ASN A 192 19.21 13.68 -2.90
N ILE A 193 20.04 12.66 -2.66
CA ILE A 193 19.72 11.69 -1.61
C ILE A 193 19.68 12.37 -0.24
N SER A 194 20.73 13.12 0.10
CA SER A 194 20.77 13.78 1.40
C SER A 194 19.65 14.80 1.51
N ALA A 195 19.37 15.52 0.42
CA ALA A 195 18.27 16.48 0.43
C ALA A 195 16.95 15.82 0.75
N PHE A 196 16.70 14.64 0.15
CA PHE A 196 15.44 13.95 0.40
C PHE A 196 15.35 13.45 1.85
N LEU A 197 16.41 12.79 2.33
CA LEU A 197 16.35 12.18 3.66
C LEU A 197 16.24 13.25 4.75
N ASP A 198 16.92 14.36 4.56
CA ASP A 198 16.83 15.41 5.56
C ASP A 198 15.53 16.19 5.47
N PHE A 199 14.98 16.37 4.25
CA PHE A 199 13.64 16.93 4.16
C PHE A 199 12.61 16.03 4.83
N PHE A 200 12.73 14.72 4.61
CA PHE A 200 11.79 13.78 5.22
C PHE A 200 11.72 14.00 6.73
N VAL A 201 12.88 14.06 7.39
CA VAL A 201 12.89 14.22 8.85
C VAL A 201 12.40 15.61 9.25
N LYS A 202 12.83 16.65 8.54
CA LYS A 202 12.42 18.01 8.89
C LYS A 202 10.91 18.16 8.80
N ARG A 203 10.31 17.66 7.72
CA ARG A 203 8.87 17.84 7.53
C ARG A 203 8.08 16.89 8.42
N PHE A 204 8.50 15.63 8.52
CA PHE A 204 7.80 14.67 9.36
C PHE A 204 7.78 15.13 10.81
N SER A 205 8.94 15.56 11.33
CA SER A 205 9.06 15.85 12.75
C SER A 205 8.36 17.15 13.15
N SER A 206 7.97 17.98 12.20
CA SER A 206 7.33 19.25 12.48
C SER A 206 5.84 19.26 12.15
N GLN A 207 5.30 18.15 11.65
CA GLN A 207 3.89 18.09 11.28
C GLN A 207 3.21 16.97 12.06
N GLU A 208 2.41 17.36 13.07
CA GLU A 208 1.72 16.38 13.90
C GLU A 208 0.79 15.51 13.06
N SER A 209 0.14 16.09 12.04
CA SER A 209 -0.80 15.33 11.24
C SER A 209 -0.14 14.19 10.47
N LEU A 210 1.17 14.25 10.25
CA LEU A 210 1.89 13.17 9.59
C LEU A 210 2.34 12.10 10.58
N GLN A 211 2.66 12.49 11.81
CA GLN A 211 3.19 11.54 12.79
C GLN A 211 2.18 10.46 13.13
N SER A 212 0.89 10.77 12.98
CA SER A 212 -0.19 9.82 13.26
C SER A 212 -0.29 8.72 12.21
N LEU A 213 0.39 8.85 11.08
CA LEU A 213 0.20 7.93 9.98
C LEU A 213 0.94 6.62 10.17
N MSE A 214 1.96 6.58 11.04
CA MSE A 214 2.61 5.33 11.38
CA MSE A 214 2.64 5.33 11.36
C MSE A 214 3.00 5.29 12.85
O MSE A 214 3.27 4.22 13.38
CB MSE A 214 3.84 5.14 10.53
CB MSE A 214 3.90 5.11 10.50
CG MSE A 214 3.47 4.99 9.09
CG MSE A 214 3.67 4.92 8.99
SE MSE A 214 4.95 4.40 8.09
SE MSE A 214 3.48 3.08 8.29
CE MSE A 214 5.25 2.72 9.01
CE MSE A 214 5.23 2.36 8.71
N VAL B 2 -17.58 -23.73 4.37
CA VAL B 2 -16.51 -22.82 4.00
C VAL B 2 -15.52 -22.68 5.16
N SER B 3 -14.32 -23.19 4.97
CA SER B 3 -13.31 -23.19 6.02
C SER B 3 -11.93 -23.23 5.37
N GLY B 4 -10.91 -23.53 6.16
CA GLY B 4 -9.57 -23.67 5.65
C GLY B 4 -8.87 -22.33 5.46
N SER B 5 -7.79 -22.38 4.70
CA SER B 5 -6.96 -21.21 4.48
C SER B 5 -7.11 -20.73 3.04
N LEU B 6 -7.13 -19.42 2.86
N LEU B 6 -6.96 -19.43 2.85
CA LEU B 6 -7.07 -18.79 1.55
CA LEU B 6 -7.08 -18.82 1.54
C LEU B 6 -5.81 -17.94 1.51
C LEU B 6 -5.95 -17.82 1.38
N ARG B 7 -5.01 -18.11 0.46
CA ARG B 7 -3.84 -17.28 0.21
C ARG B 7 -4.07 -16.51 -1.09
N ILE B 8 -4.05 -15.18 -1.02
CA ILE B 8 -4.53 -14.30 -2.09
C ILE B 8 -3.46 -13.27 -2.42
N ALA B 9 -3.13 -13.12 -3.70
CA ALA B 9 -2.23 -12.07 -4.16
C ALA B 9 -3.04 -10.94 -4.78
N ILE B 10 -2.70 -9.70 -4.45
CA ILE B 10 -3.44 -8.50 -4.87
C ILE B 10 -2.45 -7.43 -5.29
N PRO B 11 -2.59 -6.78 -6.44
CA PRO B 11 -1.60 -5.77 -6.84
C PRO B 11 -1.48 -4.67 -5.80
N VAL B 12 -0.27 -4.10 -5.70
CA VAL B 12 -0.01 -3.02 -4.75
C VAL B 12 -0.87 -1.79 -5.02
N SER B 13 -1.35 -1.61 -6.25
CA SER B 13 -2.20 -0.48 -6.56
C SER B 13 -3.62 -0.57 -5.98
N PHE B 14 -4.05 -1.70 -5.42
CA PHE B 14 -5.35 -1.76 -4.73
C PHE B 14 -5.30 -1.00 -3.39
N SER B 15 -6.42 -0.37 -3.00
CA SER B 15 -6.48 0.34 -1.73
C SER B 15 -6.48 -0.66 -0.58
N GLN B 16 -5.52 -0.51 0.34
CA GLN B 16 -5.48 -1.39 1.52
C GLN B 16 -6.66 -1.15 2.45
N GLU B 17 -7.11 0.10 2.57
CA GLU B 17 -8.33 0.41 3.33
C GLU B 17 -9.52 -0.33 2.76
N LEU B 18 -9.69 -0.30 1.44
CA LEU B 18 -10.83 -0.94 0.81
C LEU B 18 -10.77 -2.45 0.99
N ILE B 19 -9.61 -3.05 0.75
CA ILE B 19 -9.50 -4.50 0.88
C ILE B 19 -9.70 -4.93 2.33
N ALA B 20 -9.26 -4.12 3.29
CA ALA B 20 -9.48 -4.43 4.70
C ALA B 20 -10.97 -4.50 5.02
N ASN B 21 -11.75 -3.52 4.58
CA ASN B 21 -13.19 -3.51 4.81
C ASN B 21 -13.85 -4.73 4.19
N LEU B 22 -13.37 -5.12 3.00
CA LEU B 22 -13.91 -6.27 2.31
C LEU B 22 -13.61 -7.57 3.07
N CYS B 23 -12.36 -7.74 3.50
CA CYS B 23 -11.99 -8.96 4.21
C CYS B 23 -12.68 -9.06 5.56
N SER B 24 -12.89 -7.91 6.23
CA SER B 24 -13.65 -7.91 7.48
C SER B 24 -15.06 -8.43 7.27
N GLY B 25 -15.74 -7.92 6.24
CA GLY B 25 -17.09 -8.40 5.98
C GLY B 25 -17.10 -9.87 5.60
N PHE B 26 -16.07 -10.31 4.86
CA PHE B 26 -15.99 -11.71 4.47
C PHE B 26 -15.85 -12.64 5.68
N MSE B 27 -14.92 -12.32 6.57
N MSE B 27 -14.93 -12.31 6.59
CA MSE B 27 -14.68 -13.12 7.76
CA MSE B 27 -14.73 -13.17 7.75
C MSE B 27 -15.91 -13.12 8.69
C MSE B 27 -15.87 -13.09 8.76
O MSE B 27 -16.16 -14.12 9.38
O MSE B 27 -16.02 -13.98 9.60
CB MSE B 27 -13.43 -12.62 8.50
CB MSE B 27 -13.40 -12.85 8.41
CG MSE B 27 -12.14 -12.66 7.67
CG MSE B 27 -12.21 -13.25 7.55
SE MSE B 27 -10.65 -11.58 8.33
SE MSE B 27 -10.56 -13.26 8.54
CE MSE B 27 -10.45 -12.43 10.06
CE MSE B 27 -10.52 -11.41 9.16
N ARG B 28 -16.66 -12.03 8.71
CA ARG B 28 -17.88 -11.98 9.53
C ARG B 28 -18.91 -12.99 9.02
N LEU B 29 -19.00 -13.12 7.70
CA LEU B 29 -19.92 -14.08 7.09
C LEU B 29 -19.42 -15.51 7.19
N TYR B 30 -18.10 -15.70 7.09
CA TYR B 30 -17.46 -17.02 7.08
C TYR B 30 -16.43 -17.08 8.20
N PRO B 31 -16.86 -17.41 9.41
CA PRO B 31 -15.96 -17.30 10.57
C PRO B 31 -14.88 -18.36 10.65
N ASN B 32 -14.88 -19.38 9.79
CA ASN B 32 -13.95 -20.48 9.91
C ASN B 32 -12.87 -20.47 8.83
N VAL B 33 -12.66 -19.33 8.17
CA VAL B 33 -11.66 -19.20 7.12
C VAL B 33 -10.49 -18.37 7.64
N GLU B 34 -9.27 -18.83 7.42
CA GLU B 34 -8.06 -18.06 7.69
C GLU B 34 -7.58 -17.42 6.41
N LEU B 35 -7.11 -16.18 6.49
CA LEU B 35 -6.69 -15.42 5.32
C LEU B 35 -5.18 -15.16 5.34
N ASP B 36 -4.56 -15.23 4.17
CA ASP B 36 -3.17 -14.80 3.99
C ASP B 36 -3.22 -13.93 2.74
N VAL B 37 -3.21 -12.60 2.93
CA VAL B 37 -3.37 -11.65 1.83
C VAL B 37 -2.05 -10.92 1.65
N GLN B 38 -1.51 -10.96 0.42
CA GLN B 38 -0.25 -10.31 0.10
C GLN B 38 -0.47 -9.30 -1.00
N PHE B 39 -0.26 -8.02 -0.69
CA PHE B 39 -0.21 -6.97 -1.70
C PHE B 39 1.15 -7.05 -2.35
N THR B 40 1.17 -7.38 -3.64
CA THR B 40 2.41 -7.64 -4.34
C THR B 40 2.18 -7.42 -5.83
N ASP B 41 3.23 -6.96 -6.51
CA ASP B 41 3.20 -6.82 -7.96
C ASP B 41 3.88 -7.96 -8.67
N ASN B 42 4.26 -9.02 -7.98
CA ASN B 42 4.78 -10.17 -8.71
C ASN B 42 3.72 -10.74 -9.65
N ASP B 43 4.17 -11.20 -10.82
CA ASP B 43 3.32 -11.98 -11.72
C ASP B 43 3.21 -13.39 -11.17
N ILE B 44 2.07 -13.69 -10.56
CA ILE B 44 1.88 -14.94 -9.85
C ILE B 44 1.72 -16.13 -10.80
N GLU B 49 3.56 -19.28 -6.53
CA GLU B 49 4.08 -19.01 -5.19
C GLU B 49 3.11 -19.50 -4.11
N GLY B 50 2.35 -20.53 -4.45
CA GLY B 50 1.42 -21.11 -3.52
C GLY B 50 0.16 -20.31 -3.30
N TYR B 51 -0.24 -19.47 -4.24
CA TYR B 51 -1.45 -18.66 -4.08
C TYR B 51 -2.68 -19.43 -4.55
N ASP B 52 -3.78 -19.28 -3.80
CA ASP B 52 -5.05 -19.86 -4.20
C ASP B 52 -5.76 -18.97 -5.20
N ILE B 53 -5.68 -17.65 -5.02
CA ILE B 53 -6.30 -16.68 -5.90
C ILE B 53 -5.26 -15.61 -6.20
N ALA B 54 -5.18 -15.20 -7.47
CA ALA B 54 -4.45 -13.99 -7.85
C ALA B 54 -5.45 -13.01 -8.44
N ILE B 55 -5.52 -11.82 -7.87
CA ILE B 55 -6.32 -10.74 -8.43
C ILE B 55 -5.44 -10.02 -9.44
N LYS B 56 -5.94 -9.86 -10.68
CA LYS B 56 -5.11 -9.30 -11.74
C LYS B 56 -5.90 -8.33 -12.60
N TYR B 57 -5.20 -7.31 -13.12
CA TYR B 57 -5.79 -6.48 -14.16
C TYR B 57 -5.67 -7.18 -15.50
N GLY B 58 -6.66 -6.96 -16.37
CA GLY B 58 -6.56 -7.42 -17.73
C GLY B 58 -5.47 -6.68 -18.48
N PRO B 59 -5.05 -7.24 -19.62
CA PRO B 59 -5.57 -8.47 -20.23
C PRO B 59 -4.97 -9.73 -19.58
N LEU B 60 -5.72 -10.82 -19.59
CA LEU B 60 -5.22 -12.07 -19.06
C LEU B 60 -4.23 -12.70 -20.03
N GLN B 61 -3.27 -13.42 -19.47
CA GLN B 61 -2.23 -14.10 -20.23
C GLN B 61 -2.58 -15.57 -20.42
N SER B 62 -1.79 -16.23 -21.27
CA SER B 62 -2.05 -17.64 -21.57
C SER B 62 -1.90 -18.51 -20.34
N SER B 63 -1.12 -18.07 -19.34
CA SER B 63 -0.99 -18.85 -18.11
C SER B 63 -2.25 -18.81 -17.26
N ASP B 64 -3.17 -17.87 -17.52
CA ASP B 64 -4.36 -17.69 -16.71
C ASP B 64 -5.46 -18.60 -17.24
N LEU B 65 -5.39 -19.87 -16.86
CA LEU B 65 -6.23 -20.88 -17.48
C LEU B 65 -7.64 -20.96 -16.91
N VAL B 66 -7.87 -20.52 -15.68
CA VAL B 66 -9.22 -20.41 -15.11
C VAL B 66 -9.32 -19.04 -14.45
N ALA B 67 -10.30 -18.26 -14.83
CA ALA B 67 -10.43 -16.91 -14.32
C ALA B 67 -11.89 -16.50 -14.27
N ARG B 68 -12.18 -15.51 -13.44
CA ARG B 68 -13.50 -14.94 -13.31
C ARG B 68 -13.39 -13.42 -13.40
N LEU B 69 -14.17 -12.80 -14.27
CA LEU B 69 -14.25 -11.34 -14.32
C LEU B 69 -14.94 -10.84 -13.07
N LEU B 70 -14.31 -9.88 -12.38
CA LEU B 70 -14.86 -9.38 -11.12
C LEU B 70 -15.52 -8.02 -11.25
N PHE B 71 -14.86 -7.05 -11.89
CA PHE B 71 -15.45 -5.73 -12.09
C PHE B 71 -14.64 -4.98 -13.13
N GLU B 72 -15.15 -3.83 -13.54
CA GLU B 72 -14.45 -2.95 -14.45
C GLU B 72 -14.52 -1.52 -13.94
N ARG B 73 -13.57 -0.70 -14.38
CA ARG B 73 -13.50 0.71 -14.00
C ARG B 73 -13.15 1.52 -15.24
N GLN B 74 -13.59 2.78 -15.26
CA GLN B 74 -13.37 3.65 -16.41
C GLN B 74 -12.35 4.72 -16.06
N PRO B 75 -11.13 4.65 -16.56
CA PRO B 75 -10.17 5.73 -16.32
C PRO B 75 -10.45 6.95 -17.18
N ILE B 76 -10.03 8.10 -16.65
CA ILE B 76 -10.14 9.37 -17.35
C ILE B 76 -8.90 10.19 -17.03
N LEU B 77 -8.52 11.03 -17.98
CA LEU B 77 -7.37 11.91 -17.81
C LEU B 77 -7.84 13.20 -17.15
N VAL B 78 -7.12 13.63 -16.11
CA VAL B 78 -7.46 14.83 -15.36
C VAL B 78 -6.19 15.60 -15.01
N ALA B 79 -6.38 16.89 -14.71
CA ALA B 79 -5.35 17.69 -14.08
C ALA B 79 -6.04 18.72 -13.19
N SER B 80 -5.26 19.34 -12.29
CA SER B 80 -5.84 20.40 -11.47
C SER B 80 -6.01 21.69 -12.29
N PRO B 81 -6.90 22.57 -11.87
CA PRO B 81 -6.99 23.87 -12.57
C PRO B 81 -5.70 24.65 -12.49
N GLY B 82 -4.96 24.54 -11.38
CA GLY B 82 -3.70 25.25 -11.29
C GLY B 82 -2.68 24.76 -12.30
N TYR B 83 -2.59 23.44 -12.48
CA TYR B 83 -1.68 22.91 -13.51
C TYR B 83 -2.07 23.43 -14.89
N LEU B 84 -3.37 23.36 -15.22
CA LEU B 84 -3.80 23.77 -16.55
C LEU B 84 -3.60 25.27 -16.78
N LYS B 85 -3.72 26.09 -15.74
CA LYS B 85 -3.46 27.51 -15.88
C LYS B 85 -1.99 27.78 -16.19
N THR B 86 -1.09 27.05 -15.55
CA THR B 86 0.34 27.29 -15.71
C THR B 86 0.87 26.73 -17.02
N ARG B 87 0.43 25.53 -17.39
CA ARG B 87 1.02 24.80 -18.50
C ARG B 87 0.14 24.76 -19.74
N GLY B 88 -1.08 25.27 -19.65
CA GLY B 88 -2.03 25.16 -20.75
C GLY B 88 -2.78 23.85 -20.71
N THR B 89 -3.86 23.80 -21.49
CA THR B 89 -4.68 22.61 -21.63
C THR B 89 -4.33 21.95 -22.96
N PRO B 90 -3.86 20.70 -22.96
CA PRO B 90 -3.54 20.05 -24.24
C PRO B 90 -4.79 19.94 -25.10
N ALA B 91 -4.65 20.33 -26.37
CA ALA B 91 -5.77 20.31 -27.29
C ALA B 91 -5.95 18.97 -27.98
N THR B 92 -4.88 18.20 -28.16
CA THR B 92 -4.91 16.90 -28.81
C THR B 92 -3.92 16.00 -28.09
N PRO B 93 -4.03 14.67 -28.27
CA PRO B 93 -3.08 13.76 -27.60
C PRO B 93 -1.62 14.02 -27.91
N LYS B 94 -1.29 14.43 -29.14
CA LYS B 94 0.10 14.67 -29.49
C LYS B 94 0.73 15.76 -28.63
N GLU B 95 -0.08 16.68 -28.10
CA GLU B 95 0.48 17.72 -27.23
C GLU B 95 0.87 17.22 -25.84
N LEU B 96 0.47 16.00 -25.46
CA LEU B 96 0.86 15.52 -24.14
C LEU B 96 2.36 15.38 -24.00
N SER B 97 3.08 15.28 -25.12
CA SER B 97 4.54 15.18 -25.08
C SER B 97 5.18 16.38 -24.40
N ASP B 98 4.50 17.54 -24.42
CA ASP B 98 4.99 18.76 -23.82
C ASP B 98 4.44 19.01 -22.43
N HIS B 99 3.80 18.00 -21.83
CA HIS B 99 3.15 18.14 -20.54
C HIS B 99 3.75 17.17 -19.52
N SER B 100 3.64 17.55 -18.26
CA SER B 100 4.02 16.66 -17.15
C SER B 100 2.91 15.65 -16.90
N GLY B 101 3.28 14.37 -16.84
CA GLY B 101 2.37 13.32 -16.44
C GLY B 101 2.81 12.61 -15.18
N ILE B 102 1.83 12.07 -14.45
CA ILE B 102 2.03 11.29 -13.24
CA ILE B 102 2.06 11.28 -13.25
C ILE B 102 1.68 9.85 -13.61
N LEU B 103 2.70 9.01 -13.78
CA LEU B 103 2.52 7.66 -14.29
C LEU B 103 2.28 6.68 -13.15
N LEU B 104 1.18 5.93 -13.24
CA LEU B 104 0.96 4.80 -12.34
C LEU B 104 1.63 3.59 -12.98
N GLY B 105 2.67 3.07 -12.34
CA GLY B 105 3.41 1.97 -12.93
C GLY B 105 4.47 1.44 -12.01
N THR B 106 4.97 0.25 -12.33
CA THR B 106 6.10 -0.38 -11.66
C THR B 106 7.38 -0.09 -12.46
N SER B 107 8.46 -0.79 -12.12
N SER B 107 8.47 -0.80 -12.13
CA SER B 107 9.79 -0.38 -12.57
CA SER B 107 9.81 -0.41 -12.55
C SER B 107 9.93 -0.40 -14.08
C SER B 107 10.11 -0.64 -14.02
N ARG B 108 9.23 -1.28 -14.77
CA ARG B 108 9.38 -1.41 -16.21
C ARG B 108 8.23 -0.76 -16.98
N SER B 109 7.36 0.00 -16.30
CA SER B 109 6.23 0.65 -16.97
C SER B 109 6.72 1.91 -17.67
N ALA B 110 6.35 2.05 -18.94
CA ALA B 110 6.77 3.17 -19.77
C ALA B 110 5.76 4.31 -19.71
N PRO B 111 6.20 5.57 -19.94
CA PRO B 111 5.26 6.71 -19.91
C PRO B 111 4.52 6.84 -21.23
N ILE B 112 3.66 5.86 -21.47
N ILE B 112 3.63 5.89 -21.50
CA ILE B 112 2.87 5.75 -22.69
CA ILE B 112 2.90 5.83 -22.76
C ILE B 112 1.42 5.55 -22.27
C ILE B 112 1.45 5.47 -22.47
N TRP B 113 0.53 6.35 -22.83
CA TRP B 113 -0.89 6.19 -22.55
C TRP B 113 -1.62 5.88 -23.85
N PRO B 114 -2.41 4.80 -23.90
CA PRO B 114 -3.30 4.56 -25.04
C PRO B 114 -4.57 5.38 -24.88
N LEU B 115 -4.88 6.22 -25.88
CA LEU B 115 -6.04 7.09 -25.82
C LEU B 115 -6.87 6.92 -27.08
N GLY B 116 -8.19 6.97 -26.95
CA GLY B 116 -9.08 6.96 -28.08
C GLY B 116 -9.59 5.58 -28.46
N LYS B 117 -10.62 5.58 -29.32
CA LYS B 117 -11.29 4.37 -29.79
C LYS B 117 -11.57 4.53 -31.27
N ARG B 120 -9.60 7.30 -33.93
CA ARG B 120 -8.96 8.23 -32.99
C ARG B 120 -8.06 7.50 -31.99
N LYS B 121 -7.77 6.22 -32.22
CA LYS B 121 -6.99 5.44 -31.27
C LYS B 121 -5.52 5.71 -31.49
N THR B 122 -4.80 6.04 -30.40
CA THR B 122 -3.41 6.44 -30.52
C THR B 122 -2.68 6.17 -29.20
N MSE B 123 -1.37 5.96 -29.28
CA MSE B 123 -0.54 5.89 -28.08
C MSE B 123 0.48 7.03 -28.04
O MSE B 123 1.21 7.25 -29.00
CB MSE B 123 0.15 4.54 -27.88
CG MSE B 123 -0.73 3.32 -28.14
SE MSE B 123 0.33 1.72 -28.57
CE MSE B 123 1.18 1.44 -26.84
N VAL B 124 0.50 7.75 -26.91
CA VAL B 124 1.30 8.96 -26.82
C VAL B 124 2.10 8.95 -25.53
N SER B 125 3.20 9.69 -25.54
N SER B 125 3.22 9.67 -25.54
CA SER B 125 4.05 9.83 -24.38
CA SER B 125 4.03 9.81 -24.36
C SER B 125 3.77 11.15 -23.67
C SER B 125 3.85 11.19 -23.72
N PHE B 126 4.53 11.39 -22.60
CA PHE B 126 4.45 12.61 -21.81
C PHE B 126 5.74 12.66 -21.01
N GLN B 127 5.99 13.83 -20.41
CA GLN B 127 7.16 13.98 -19.56
C GLN B 127 6.89 13.28 -18.24
N ARG B 128 7.74 12.32 -17.88
CA ARG B 128 7.47 11.47 -16.71
C ARG B 128 7.96 12.14 -15.44
N LYS B 129 7.14 13.07 -14.92
CA LYS B 129 7.49 13.82 -13.72
C LYS B 129 7.59 12.91 -12.50
N VAL B 130 6.64 11.98 -12.37
CA VAL B 130 6.64 10.98 -11.30
C VAL B 130 6.21 9.66 -11.92
N ARG B 131 6.86 8.57 -11.48
CA ARG B 131 6.33 7.24 -11.63
C ARG B 131 6.15 6.67 -10.23
N VAL B 132 5.00 6.04 -9.96
CA VAL B 132 4.75 5.44 -8.65
C VAL B 132 3.71 4.37 -8.86
N ASN B 133 3.73 3.34 -8.01
CA ASN B 133 2.76 2.25 -8.11
C ASN B 133 1.64 2.38 -7.09
N SER B 134 1.32 3.61 -6.71
CA SER B 134 0.31 3.91 -5.69
C SER B 134 -0.72 4.90 -6.23
N PRO B 135 -1.97 4.49 -6.43
CA PRO B 135 -3.02 5.47 -6.82
C PRO B 135 -3.25 6.55 -5.79
N ILE B 136 -3.02 6.27 -4.51
CA ILE B 136 -3.14 7.29 -3.49
C ILE B 136 -2.19 8.44 -3.79
N MSE B 137 -0.95 8.10 -4.10
CA MSE B 137 0.03 9.12 -4.41
C MSE B 137 -0.23 9.81 -5.76
O MSE B 137 -0.07 11.03 -5.87
CB MSE B 137 1.46 8.58 -4.27
CG MSE B 137 2.51 9.61 -4.53
SE MSE B 137 4.24 9.04 -3.87
CE MSE B 137 5.40 9.84 -5.21
N VAL B 138 -0.66 9.05 -6.77
CA VAL B 138 -1.03 9.67 -8.05
C VAL B 138 -2.09 10.74 -7.83
N LYS B 139 -3.13 10.41 -7.07
CA LYS B 139 -4.24 11.35 -6.88
CA LYS B 139 -4.23 11.34 -6.86
C LYS B 139 -3.78 12.58 -6.12
N GLN B 140 -3.02 12.39 -5.04
CA GLN B 140 -2.54 13.54 -4.27
C GLN B 140 -1.68 14.45 -5.13
N LEU B 141 -0.80 13.86 -5.96
CA LEU B 141 0.07 14.68 -6.79
C LEU B 141 -0.71 15.43 -7.85
N ALA B 142 -1.75 14.81 -8.42
CA ALA B 142 -2.62 15.53 -9.35
C ALA B 142 -3.31 16.71 -8.67
N LEU B 143 -3.86 16.47 -7.46
CA LEU B 143 -4.50 17.55 -6.71
C LEU B 143 -3.52 18.66 -6.40
N ASP B 144 -2.24 18.31 -6.20
CA ASP B 144 -1.18 19.25 -5.84
C ASP B 144 -0.53 19.92 -7.06
N ASP B 145 -1.16 19.85 -8.23
CA ASP B 145 -0.80 20.64 -9.42
C ASP B 145 0.43 20.11 -10.17
N PHE B 146 0.80 18.85 -9.98
CA PHE B 146 2.03 18.35 -10.57
C PHE B 146 1.86 17.88 -12.00
N GLY B 147 0.64 17.68 -12.48
CA GLY B 147 0.49 17.28 -13.87
C GLY B 147 -0.74 16.43 -14.09
N ILE B 148 -0.74 15.78 -15.24
CA ILE B 148 -1.88 15.05 -15.74
C ILE B 148 -1.81 13.62 -15.23
N ALA B 149 -2.95 13.06 -14.83
CA ALA B 149 -3.02 11.71 -14.30
C ALA B 149 -4.22 10.96 -14.86
N MSE B 150 -4.08 9.64 -14.96
CA MSE B 150 -5.19 8.76 -15.27
CA MSE B 150 -5.21 8.75 -15.26
C MSE B 150 -5.81 8.33 -13.94
O MSE B 150 -5.15 7.69 -13.13
CB MSE B 150 -4.67 7.57 -16.06
CB MSE B 150 -4.76 7.46 -15.95
CG MSE B 150 -5.70 6.83 -16.89
CG MSE B 150 -3.79 7.57 -17.07
SE MSE B 150 -4.96 5.16 -17.56
SE MSE B 150 -3.92 5.90 -18.06
CE MSE B 150 -4.22 5.79 -19.26
CE MSE B 150 -2.50 4.84 -17.32
N LEU B 151 -7.06 8.68 -13.70
CA LEU B 151 -7.71 8.33 -12.45
C LEU B 151 -9.03 7.63 -12.75
N SER B 152 -9.48 6.81 -11.81
CA SER B 152 -10.78 6.18 -12.00
C SER B 152 -11.88 7.22 -11.81
N ASN B 153 -12.84 7.23 -12.72
CA ASN B 153 -13.95 8.17 -12.64
C ASN B 153 -14.79 7.98 -11.40
N SER B 154 -14.78 6.77 -10.82
CA SER B 154 -15.49 6.51 -9.58
C SER B 154 -14.69 6.88 -8.35
N ALA B 155 -13.36 6.85 -8.44
CA ALA B 155 -12.51 7.13 -7.30
C ALA B 155 -12.44 8.61 -6.95
N CYS B 156 -12.87 9.50 -7.85
CA CYS B 156 -12.60 10.92 -7.69
C CYS B 156 -13.82 11.78 -7.98
N LYS B 157 -15.02 11.26 -7.70
CA LYS B 157 -16.24 11.97 -8.09
C LYS B 157 -16.38 13.28 -7.33
N THR B 158 -16.04 13.29 -6.03
CA THR B 158 -16.14 14.51 -5.25
C THR B 158 -15.23 15.60 -5.81
N GLU B 159 -13.96 15.26 -6.04
CA GLU B 159 -12.99 16.22 -6.55
C GLU B 159 -13.35 16.70 -7.94
N LEU B 160 -13.96 15.84 -8.76
CA LEU B 160 -14.44 16.30 -10.06
C LEU B 160 -15.62 17.26 -9.90
N ALA B 161 -16.53 16.94 -8.97
CA ALA B 161 -17.71 17.79 -8.79
C ALA B 161 -17.33 19.19 -8.30
N ASN B 162 -16.31 19.29 -7.46
CA ASN B 162 -15.94 20.57 -6.89
C ASN B 162 -14.84 21.28 -7.66
N GLY B 163 -14.42 20.73 -8.80
CA GLY B 163 -13.50 21.42 -9.66
C GLY B 163 -12.04 21.30 -9.30
N GLN B 164 -11.68 20.54 -8.25
CA GLN B 164 -10.27 20.38 -7.94
C GLN B 164 -9.53 19.53 -8.97
N LEU B 165 -10.25 18.73 -9.75
CA LEU B 165 -9.69 18.01 -10.88
C LEU B 165 -10.58 18.29 -12.09
N VAL B 166 -9.96 18.45 -13.25
CA VAL B 166 -10.64 18.84 -14.47
C VAL B 166 -10.37 17.77 -15.52
N PRO B 167 -11.39 17.18 -16.14
CA PRO B 167 -11.12 16.21 -17.21
C PRO B 167 -10.64 16.92 -18.46
N ILE B 168 -9.68 16.28 -19.14
CA ILE B 168 -9.11 16.79 -20.39
C ILE B 168 -9.13 15.71 -21.46
N LEU B 169 -8.97 16.15 -22.71
CA LEU B 169 -8.90 15.25 -23.86
C LEU B 169 -10.04 14.24 -23.87
N GLN B 170 -11.25 14.71 -23.53
CA GLN B 170 -12.39 13.80 -23.43
C GLN B 170 -12.80 13.21 -24.77
N GLU B 171 -12.43 13.85 -25.89
CA GLU B 171 -12.69 13.31 -27.23
C GLU B 171 -11.90 12.04 -27.49
N TRP B 172 -10.90 11.72 -26.67
CA TRP B 172 -10.09 10.50 -26.83
C TRP B 172 -10.20 9.66 -25.55
N PRO B 173 -11.35 9.03 -25.32
CA PRO B 173 -11.53 8.25 -24.09
C PRO B 173 -10.65 7.02 -24.06
N MSE B 174 -10.41 6.54 -22.85
CA MSE B 174 -9.61 5.34 -22.62
CA MSE B 174 -9.61 5.34 -22.68
C MSE B 174 -10.48 4.11 -22.54
O MSE B 174 -11.66 4.18 -22.18
CB MSE B 174 -8.83 5.45 -21.31
CB MSE B 174 -8.68 5.50 -21.49
CG MSE B 174 -7.44 6.03 -21.45
CG MSE B 174 -7.94 6.81 -21.50
SE MSE B 174 -7.22 7.44 -20.13
SE MSE B 174 -6.40 6.73 -20.33
CE MSE B 174 -8.32 8.74 -21.03
CE MSE B 174 -5.83 4.92 -20.76
N GLU B 175 -9.89 2.96 -22.86
CA GLU B 175 -10.58 1.69 -22.69
C GLU B 175 -10.77 1.45 -21.19
N PRO B 176 -11.93 0.93 -20.78
CA PRO B 176 -12.07 0.55 -19.37
C PRO B 176 -11.09 -0.55 -19.03
N PHE B 177 -10.69 -0.61 -17.77
CA PHE B 177 -9.89 -1.73 -17.32
C PHE B 177 -10.74 -2.72 -16.56
N LYS B 178 -10.35 -3.99 -16.67
CA LYS B 178 -11.06 -5.10 -16.06
C LYS B 178 -10.18 -5.78 -15.02
N VAL B 179 -10.82 -6.24 -13.95
CA VAL B 179 -10.14 -6.95 -12.87
C VAL B 179 -10.70 -8.35 -12.81
N TYR B 180 -9.81 -9.34 -12.73
CA TYR B 180 -10.15 -10.76 -12.71
C TYR B 180 -9.58 -11.42 -11.46
N GLY B 181 -10.21 -12.53 -11.07
CA GLY B 181 -9.64 -13.45 -10.11
C GLY B 181 -9.21 -14.71 -10.83
N VAL B 182 -7.95 -15.08 -10.75
CA VAL B 182 -7.39 -16.26 -11.39
C VAL B 182 -7.11 -17.32 -10.34
N TYR B 183 -7.45 -18.57 -10.64
CA TYR B 183 -7.27 -19.67 -9.70
C TYR B 183 -7.03 -20.96 -10.47
N SER B 184 -6.51 -21.98 -9.77
CA SER B 184 -6.17 -23.24 -10.44
C SER B 184 -7.40 -24.11 -10.64
N SER B 185 -7.42 -24.84 -11.77
CA SER B 185 -8.47 -25.84 -11.95
C SER B 185 -8.40 -26.96 -10.91
N ARG B 186 -7.24 -27.17 -10.28
CA ARG B 186 -7.14 -28.11 -9.16
C ARG B 186 -8.10 -27.71 -8.04
N ARG B 187 -8.38 -26.41 -7.91
N ARG B 187 -8.40 -26.43 -7.91
CA ARG B 187 -9.27 -25.90 -6.88
CA ARG B 187 -9.28 -25.92 -6.86
C ARG B 187 -10.61 -25.44 -7.44
C ARG B 187 -10.62 -25.44 -7.43
N GLN B 188 -11.03 -25.98 -8.58
CA GLN B 188 -12.26 -25.56 -9.21
C GLN B 188 -13.50 -25.84 -8.35
N LEU B 189 -13.41 -26.80 -7.44
CA LEU B 189 -14.51 -27.12 -6.53
C LEU B 189 -14.38 -26.45 -5.16
N ALA B 190 -13.34 -25.65 -4.95
CA ALA B 190 -13.09 -25.10 -3.62
C ALA B 190 -14.18 -24.12 -3.25
N THR B 191 -14.85 -24.39 -2.13
CA THR B 191 -15.92 -23.52 -1.69
C THR B 191 -15.40 -22.20 -1.13
N ASN B 192 -14.18 -22.19 -0.55
CA ASN B 192 -13.69 -20.92 -0.01
C ASN B 192 -13.34 -19.94 -1.12
N ILE B 193 -12.80 -20.42 -2.25
CA ILE B 193 -12.51 -19.53 -3.38
C ILE B 193 -13.80 -18.93 -3.94
N SER B 194 -14.81 -19.77 -4.18
CA SER B 194 -16.10 -19.28 -4.69
C SER B 194 -16.73 -18.31 -3.71
N ALA B 195 -16.69 -18.61 -2.41
CA ALA B 195 -17.28 -17.70 -1.45
C ALA B 195 -16.59 -16.35 -1.46
N PHE B 196 -15.26 -16.34 -1.50
CA PHE B 196 -14.53 -15.09 -1.49
C PHE B 196 -14.82 -14.27 -2.75
N LEU B 197 -14.76 -14.91 -3.92
CA LEU B 197 -14.94 -14.15 -5.15
C LEU B 197 -16.37 -13.63 -5.28
N ASP B 198 -17.36 -14.40 -4.83
CA ASP B 198 -18.75 -13.91 -4.79
C ASP B 198 -18.87 -12.67 -3.93
N PHE B 199 -18.25 -12.69 -2.73
CA PHE B 199 -18.32 -11.55 -1.84
C PHE B 199 -17.59 -10.34 -2.43
N PHE B 200 -16.47 -10.60 -3.10
CA PHE B 200 -15.72 -9.55 -3.76
C PHE B 200 -16.54 -8.90 -4.86
N VAL B 201 -17.23 -9.71 -5.67
CA VAL B 201 -18.02 -9.14 -6.75
C VAL B 201 -19.17 -8.31 -6.19
N LYS B 202 -19.82 -8.78 -5.12
CA LYS B 202 -20.95 -8.02 -4.61
C LYS B 202 -20.50 -6.68 -4.06
N ARG B 203 -19.31 -6.63 -3.44
CA ARG B 203 -18.83 -5.36 -2.88
C ARG B 203 -18.49 -4.37 -3.98
N PHE B 204 -17.75 -4.80 -5.00
CA PHE B 204 -17.31 -3.89 -6.05
C PHE B 204 -18.40 -3.57 -7.06
N SER B 205 -19.63 -4.02 -6.85
CA SER B 205 -20.74 -3.75 -7.74
C SER B 205 -21.87 -2.97 -7.09
N SER B 206 -22.13 -3.26 -5.84
CA SER B 206 -23.21 -2.59 -5.16
C SER B 206 -22.80 -2.44 -3.74
N GLN B 207 -22.28 -1.27 -3.41
CA GLN B 207 -21.77 -1.06 -2.08
C GLN B 207 -21.11 0.27 -1.82
N GLU B 208 -20.82 0.48 -0.56
CA GLU B 208 -20.10 1.64 -0.24
C GLU B 208 -18.67 1.43 -0.76
N SER B 209 -18.39 0.30 -1.44
CA SER B 209 -17.02 0.04 -1.89
C SER B 209 -16.64 0.47 -3.30
N LEU B 210 -17.51 1.19 -4.00
CA LEU B 210 -17.21 1.63 -5.36
C LEU B 210 -16.40 2.92 -5.37
N GLN B 211 -15.50 3.09 -4.39
CA GLN B 211 -14.70 4.30 -4.27
C GLN B 211 -13.29 4.15 -4.85
N SER B 212 -12.95 2.99 -5.40
CA SER B 212 -11.65 2.80 -6.06
C SER B 212 -11.70 1.62 -7.04
#